data_7C6M
#
_entry.id   7C6M
#
_cell.length_a   58.320
_cell.length_b   62.930
_cell.length_c   110.260
_cell.angle_alpha   90.000
_cell.angle_beta   90.000
_cell.angle_gamma   90.000
#
_symmetry.space_group_name_H-M   'P 21 21 21'
#
loop_
_entity.id
_entity.type
_entity.pdbx_description
1 polymer 'Sugar ABC transporter, periplasmic sugar-binding protein'
2 branched beta-D-glucopyranose-(1-4)-beta-D-glucopyranose-(1-4)-beta-D-glucopyranose-(1-4)-beta-D-glucopyranose
3 non-polymer 'CHLORIDE ION'
4 non-polymer (4S)-2-METHYL-2,4-PENTANEDIOL
5 non-polymer GLYCEROL
6 water water
#
_entity_poly.entity_id   1
_entity_poly.type   'polypeptide(L)'
_entity_poly.pdbx_seq_one_letter_code
;MQKTLEVWIMPNSPQPAEDFKALVAPFEKAHGVEVKVTVLDWGVAWTKITTAATSGVGPDLTQLGTTWVGAISAMGVLEP
VDDVLEALGGEKAYLPAVWRTTRLEGARQATAVPWFSELRAFYYRTDALKAAGVNPAEMFASWQGFEAGLARLKASSFRD
PETKAPLAPLCTPGRTPRTLHNAAPWIWGAGGEIVRQAGGRWQSALNSPESLEGLYFFLSLAQKGYVPAESLEKNTAQIE
ADFQAGKCAVFASGPWMIQRAQVPEAKGGFAERTAAKNLGVAPYPAGPKGRYTFFGGSNLALFNFSKNKPLAKELLKYLG
GPEAQVRYAQMTGMLPALRSAWSDPSFQQNPLLRTFIQAAQFGRTYPSLAGWGGVENLAVQHLGMAWDLVAQGRLTREAL
KDLMDKASAAINQALRHHHHHH
;
_entity_poly.pdbx_strand_id   A
#
# COMPACT_ATOMS: atom_id res chain seq x y z
N LYS A 3 31.45 2.03 14.14
CA LYS A 3 30.75 1.29 15.19
C LYS A 3 29.29 1.80 15.31
N THR A 4 28.82 2.65 14.38
CA THR A 4 27.41 3.06 14.22
C THR A 4 26.63 1.88 13.63
N LEU A 5 25.42 1.54 14.12
CA LEU A 5 24.48 0.65 13.36
C LEU A 5 23.92 1.49 12.18
N GLU A 6 23.82 0.92 11.02
CA GLU A 6 23.23 1.67 9.86
C GLU A 6 21.90 1.02 9.46
N VAL A 7 20.92 1.86 9.23
CA VAL A 7 19.55 1.41 8.87
C VAL A 7 19.10 2.21 7.65
N TRP A 8 18.59 1.53 6.67
CA TRP A 8 17.96 2.19 5.47
C TRP A 8 16.44 2.13 5.61
N ILE A 9 15.79 3.26 5.46
CA ILE A 9 14.33 3.37 5.55
C ILE A 9 13.82 4.11 4.32
N MET A 10 12.54 4.01 4.12
CA MET A 10 11.82 4.81 3.08
C MET A 10 11.14 5.99 3.76
N PRO A 11 10.61 6.95 2.99
CA PRO A 11 9.97 8.13 3.56
C PRO A 11 8.57 7.90 4.18
N ASN A 12 8.50 7.37 5.38
CA ASN A 12 7.26 6.89 6.03
C ASN A 12 6.58 8.04 6.79
N SER A 13 7.25 9.20 6.94
CA SER A 13 6.76 10.38 7.70
C SER A 13 7.31 11.65 7.08
N PRO A 14 6.67 12.81 7.33
CA PRO A 14 7.09 14.06 6.73
C PRO A 14 8.57 14.42 6.89
N GLN A 15 9.16 14.19 8.08
CA GLN A 15 10.65 14.30 8.19
C GLN A 15 11.20 12.94 8.62
N PRO A 16 11.39 12.02 7.67
CA PRO A 16 11.46 10.61 8.00
C PRO A 16 12.68 10.20 8.82
N ALA A 17 13.83 10.82 8.54
CA ALA A 17 15.04 10.55 9.35
C ALA A 17 14.89 11.08 10.78
N GLU A 18 14.39 12.29 10.98
CA GLU A 18 14.23 12.90 12.30
C GLU A 18 13.29 12.01 13.13
N ASP A 19 12.23 11.51 12.50
CA ASP A 19 11.20 10.69 13.22
C ASP A 19 11.85 9.36 13.62
N PHE A 20 12.66 8.82 12.74
CA PHE A 20 13.29 7.53 12.98
C PHE A 20 14.33 7.72 14.10
N LYS A 21 15.11 8.81 14.08
CA LYS A 21 16.10 9.06 15.16
C LYS A 21 15.40 9.23 16.51
N ALA A 22 14.26 9.93 16.55
CA ALA A 22 13.50 10.20 17.79
C ALA A 22 13.09 8.81 18.31
N LEU A 23 12.62 7.98 17.41
CA LEU A 23 12.07 6.64 17.76
C LEU A 23 13.15 5.81 18.47
N VAL A 24 14.36 5.82 17.92
CA VAL A 24 15.47 4.94 18.40
C VAL A 24 16.32 5.54 19.53
N ALA A 25 16.20 6.82 19.87
CA ALA A 25 17.01 7.43 20.96
C ALA A 25 17.00 6.58 22.24
N PRO A 26 15.87 6.01 22.73
CA PRO A 26 15.90 5.16 23.92
C PRO A 26 16.73 3.88 23.75
N PHE A 27 16.72 3.32 22.55
CA PHE A 27 17.56 2.15 22.18
C PHE A 27 19.01 2.55 22.22
N GLU A 28 19.36 3.68 21.60
CA GLU A 28 20.78 4.18 21.57
C GLU A 28 21.32 4.33 23.00
N LYS A 29 20.52 4.88 23.92
CA LYS A 29 20.97 5.17 25.31
C LYS A 29 21.11 3.84 26.06
N ALA A 30 20.19 2.92 25.84
CA ALA A 30 20.16 1.67 26.63
C ALA A 30 21.31 0.75 26.18
N HIS A 31 21.85 0.94 24.97
CA HIS A 31 22.84 0.02 24.34
C HIS A 31 24.19 0.68 24.17
N GLY A 32 24.28 1.97 24.49
CA GLY A 32 25.46 2.80 24.28
C GLY A 32 25.97 2.79 22.87
N VAL A 33 25.10 2.93 21.83
CA VAL A 33 25.49 2.86 20.38
C VAL A 33 24.74 3.95 19.65
N GLU A 34 25.28 4.39 18.54
CA GLU A 34 24.59 5.39 17.69
C GLU A 34 23.96 4.63 16.51
N VAL A 35 22.76 5.05 16.09
CA VAL A 35 22.13 4.44 14.89
C VAL A 35 22.12 5.47 13.76
N LYS A 36 22.70 5.15 12.62
CA LYS A 36 22.74 6.10 11.49
C LYS A 36 21.70 5.70 10.46
N VAL A 37 20.88 6.65 10.04
CA VAL A 37 19.74 6.31 9.16
C VAL A 37 20.02 6.93 7.82
N THR A 38 19.65 6.21 6.78
CA THR A 38 19.64 6.75 5.38
C THR A 38 18.22 6.60 4.88
N VAL A 39 17.62 7.65 4.32
CA VAL A 39 16.28 7.52 3.71
C VAL A 39 16.41 7.28 2.21
N LEU A 40 15.70 6.30 1.67
CA LEU A 40 15.65 6.00 0.22
CA LEU A 40 15.64 5.95 0.22
C LEU A 40 14.23 6.26 -0.29
N ASP A 41 14.13 7.05 -1.34
CA ASP A 41 12.80 7.29 -1.95
C ASP A 41 12.24 5.95 -2.45
N TRP A 42 10.94 5.76 -2.37
CA TRP A 42 10.27 4.48 -2.78
C TRP A 42 10.54 4.16 -4.26
N GLY A 43 10.75 5.15 -5.10
CA GLY A 43 11.03 4.97 -6.54
C GLY A 43 12.38 4.29 -6.78
N VAL A 44 13.35 4.44 -5.86
CA VAL A 44 14.75 3.98 -6.11
C VAL A 44 15.16 2.94 -5.06
N ALA A 45 14.32 2.69 -4.08
CA ALA A 45 14.75 1.90 -2.90
C ALA A 45 15.10 0.50 -3.38
N TRP A 46 14.25 -0.08 -4.24
CA TRP A 46 14.40 -1.47 -4.73
C TRP A 46 15.78 -1.63 -5.38
N THR A 47 16.17 -0.72 -6.29
CA THR A 47 17.49 -0.80 -6.95
C THR A 47 18.65 -0.74 -5.94
N LYS A 48 18.61 0.19 -4.98
CA LYS A 48 19.70 0.39 -3.98
C LYS A 48 19.75 -0.84 -3.09
N ILE A 49 18.61 -1.38 -2.71
CA ILE A 49 18.58 -2.61 -1.81
C ILE A 49 19.14 -3.81 -2.57
N THR A 50 18.79 -3.94 -3.85
CA THR A 50 19.27 -5.07 -4.66
C THR A 50 20.76 -4.90 -4.97
N THR A 51 21.23 -3.69 -5.20
CA THR A 51 22.68 -3.43 -5.38
C THR A 51 23.46 -3.82 -4.10
N ALA A 52 22.95 -3.50 -2.89
CA ALA A 52 23.57 -3.91 -1.60
C ALA A 52 23.57 -5.43 -1.48
N ALA A 53 22.51 -6.08 -1.90
CA ALA A 53 22.37 -7.55 -1.79
C ALA A 53 23.41 -8.25 -2.67
N THR A 54 23.60 -7.77 -3.89
CA THR A 54 24.57 -8.37 -4.84
C THR A 54 26.02 -7.96 -4.45
N SER A 55 26.31 -6.75 -3.98
CA SER A 55 27.69 -6.28 -3.71
C SER A 55 28.14 -6.67 -2.31
N GLY A 56 27.21 -6.91 -1.36
CA GLY A 56 27.64 -7.08 0.04
C GLY A 56 28.04 -5.75 0.67
N VAL A 57 27.74 -4.62 0.04
CA VAL A 57 28.05 -3.30 0.67
C VAL A 57 26.71 -2.66 0.97
N GLY A 58 26.45 -2.43 2.23
CA GLY A 58 25.11 -1.88 2.53
C GLY A 58 24.96 -1.68 4.02
N PRO A 59 23.72 -1.49 4.48
CA PRO A 59 23.52 -1.19 5.89
C PRO A 59 23.53 -2.48 6.73
N ASP A 60 23.28 -2.37 8.04
CA ASP A 60 22.99 -3.54 8.91
C ASP A 60 21.55 -3.94 8.61
N LEU A 61 20.61 -2.99 8.76
CA LEU A 61 19.17 -3.26 8.58
C LEU A 61 18.65 -2.47 7.36
N THR A 62 17.64 -3.00 6.68
CA THR A 62 16.85 -2.26 5.68
C THR A 62 15.36 -2.52 5.89
N GLN A 63 14.63 -1.45 5.75
CA GLN A 63 13.20 -1.59 5.46
C GLN A 63 13.06 -2.36 4.15
N LEU A 64 11.96 -3.09 4.08
CA LEU A 64 11.47 -3.79 2.86
C LEU A 64 9.96 -3.64 2.81
N GLY A 65 9.43 -3.21 1.67
CA GLY A 65 8.00 -3.43 1.54
C GLY A 65 7.71 -4.91 1.61
N THR A 66 6.57 -5.25 2.18
CA THR A 66 6.20 -6.66 2.42
C THR A 66 6.30 -7.48 1.13
N THR A 67 5.94 -6.90 -0.04
CA THR A 67 5.87 -7.61 -1.34
C THR A 67 7.29 -7.86 -1.88
N TRP A 68 8.33 -7.30 -1.25
CA TRP A 68 9.73 -7.45 -1.69
C TRP A 68 10.44 -8.57 -0.92
N VAL A 69 9.89 -9.01 0.21
CA VAL A 69 10.62 -9.96 1.13
C VAL A 69 11.04 -11.26 0.42
N GLY A 70 10.17 -11.89 -0.37
CA GLY A 70 10.44 -13.12 -1.10
C GLY A 70 11.65 -12.94 -1.99
N ALA A 71 11.69 -11.86 -2.75
CA ALA A 71 12.69 -11.63 -3.82
C ALA A 71 14.04 -11.46 -3.15
N ILE A 72 14.10 -10.68 -2.07
CA ILE A 72 15.39 -10.39 -1.42
C ILE A 72 15.81 -11.64 -0.64
N SER A 73 14.87 -12.32 0.01
CA SER A 73 15.18 -13.58 0.72
C SER A 73 15.78 -14.65 -0.23
N ALA A 74 15.20 -14.84 -1.43
CA ALA A 74 15.68 -15.82 -2.43
C ALA A 74 17.14 -15.54 -2.82
N MET A 75 17.66 -14.33 -2.68
CA MET A 75 19.08 -14.05 -3.06
C MET A 75 20.05 -14.58 -1.98
N GLY A 76 19.56 -15.06 -0.85
CA GLY A 76 20.41 -15.72 0.16
C GLY A 76 21.26 -14.74 0.96
N VAL A 77 20.79 -13.50 1.12
CA VAL A 77 21.57 -12.39 1.74
C VAL A 77 20.96 -11.99 3.08
N LEU A 78 19.84 -12.58 3.52
CA LEU A 78 19.19 -12.18 4.79
C LEU A 78 19.45 -13.15 5.93
N GLU A 79 19.66 -12.57 7.10
CA GLU A 79 19.92 -13.33 8.34
C GLU A 79 18.59 -13.88 8.78
N PRO A 80 18.55 -15.12 9.31
CA PRO A 80 17.36 -15.63 9.97
C PRO A 80 17.01 -14.78 11.18
N VAL A 81 15.72 -14.55 11.38
CA VAL A 81 15.14 -13.77 12.50
C VAL A 81 14.02 -14.55 13.19
N ASP A 82 14.00 -15.88 13.13
CA ASP A 82 12.99 -16.66 13.91
C ASP A 82 13.18 -16.35 15.40
N ASP A 83 14.42 -16.15 15.86
CA ASP A 83 14.74 -15.85 17.29
C ASP A 83 14.10 -14.51 17.71
N VAL A 84 14.26 -13.48 16.91
CA VAL A 84 13.60 -12.18 17.17
C VAL A 84 12.06 -12.36 17.17
N LEU A 85 11.48 -13.01 16.18
CA LEU A 85 10.02 -13.14 16.12
C LEU A 85 9.50 -13.93 17.36
N GLU A 86 10.31 -14.86 17.83
CA GLU A 86 9.99 -15.65 19.04
C GLU A 86 9.94 -14.71 20.23
N ALA A 87 10.94 -13.85 20.35
CA ALA A 87 11.02 -12.86 21.45
C ALA A 87 9.81 -11.93 21.40
N LEU A 88 9.29 -11.61 20.22
CA LEU A 88 8.12 -10.71 20.07
C LEU A 88 6.79 -11.43 20.28
N GLY A 89 6.77 -12.76 20.41
CA GLY A 89 5.51 -13.48 20.69
C GLY A 89 5.21 -14.59 19.71
N GLY A 90 6.06 -14.72 18.70
CA GLY A 90 5.86 -15.64 17.57
C GLY A 90 4.62 -15.41 16.72
N GLU A 91 4.14 -16.49 16.11
CA GLU A 91 3.10 -16.48 15.04
C GLU A 91 1.82 -15.85 15.57
N LYS A 92 1.51 -16.20 16.81
CA LYS A 92 0.30 -15.79 17.58
C LYS A 92 0.25 -14.26 17.68
N ALA A 93 1.38 -13.59 17.71
CA ALA A 93 1.41 -12.12 17.91
C ALA A 93 1.01 -11.32 16.66
N TYR A 94 0.71 -11.95 15.51
CA TYR A 94 0.49 -11.25 14.24
C TYR A 94 -0.77 -11.78 13.51
N LEU A 95 -1.40 -10.93 12.74
CA LEU A 95 -2.36 -11.33 11.69
C LEU A 95 -1.64 -12.28 10.77
N PRO A 96 -2.32 -13.38 10.38
CA PRO A 96 -1.86 -14.21 9.28
C PRO A 96 -1.41 -13.32 8.11
N ALA A 97 -2.15 -12.31 7.68
CA ALA A 97 -1.76 -11.46 6.52
C ALA A 97 -0.35 -10.84 6.77
N VAL A 98 0.01 -10.60 8.04
CA VAL A 98 1.33 -9.99 8.41
C VAL A 98 2.37 -11.10 8.54
N TRP A 99 2.05 -12.25 9.15
CA TRP A 99 3.00 -13.37 9.43
C TRP A 99 3.59 -13.95 8.13
N ARG A 100 2.77 -13.94 7.12
CA ARG A 100 3.04 -14.57 5.80
C ARG A 100 4.17 -13.78 5.11
N THR A 101 4.29 -12.48 5.37
CA THR A 101 5.37 -11.59 4.84
C THR A 101 6.69 -11.75 5.61
N THR A 102 6.81 -12.61 6.64
CA THR A 102 8.07 -12.79 7.42
C THR A 102 9.07 -13.68 6.68
N ARG A 103 8.69 -14.27 5.56
CA ARG A 103 9.45 -15.34 4.88
C ARG A 103 9.09 -15.36 3.40
N LEU A 104 10.01 -15.87 2.62
CA LEU A 104 9.75 -16.41 1.27
C LEU A 104 8.78 -17.58 1.43
N GLU A 105 7.79 -17.63 0.59
CA GLU A 105 6.77 -18.68 0.71
C GLU A 105 7.47 -20.02 0.59
N GLY A 106 7.09 -20.93 1.49
CA GLY A 106 7.60 -22.31 1.56
C GLY A 106 8.95 -22.37 2.21
N ALA A 107 9.63 -21.24 2.51
CA ALA A 107 10.96 -21.27 3.12
C ALA A 107 10.77 -21.70 4.58
N ARG A 108 11.82 -22.26 5.13
CA ARG A 108 11.94 -22.83 6.49
C ARG A 108 11.88 -21.72 7.54
N GLN A 109 12.68 -20.68 7.31
CA GLN A 109 13.18 -19.72 8.31
C GLN A 109 12.68 -18.34 7.88
N ALA A 110 12.26 -17.54 8.86
CA ALA A 110 11.89 -16.14 8.65
C ALA A 110 13.13 -15.32 8.36
N THR A 111 12.93 -14.33 7.49
CA THR A 111 14.02 -13.46 7.02
C THR A 111 13.59 -12.00 7.19
N ALA A 112 12.40 -11.73 7.74
CA ALA A 112 11.92 -10.33 7.92
C ALA A 112 11.04 -10.20 9.16
N VAL A 113 11.18 -9.06 9.86
CA VAL A 113 10.44 -8.69 11.10
C VAL A 113 9.42 -7.64 10.70
N PRO A 114 8.12 -7.87 11.03
CA PRO A 114 7.10 -6.90 10.75
C PRO A 114 7.32 -5.59 11.51
N TRP A 115 7.20 -4.49 10.76
CA TRP A 115 7.47 -3.15 11.30
C TRP A 115 6.17 -2.33 11.40
N PHE A 116 5.48 -2.16 10.27
CA PHE A 116 4.17 -1.50 10.21
C PHE A 116 3.34 -2.15 9.10
N SER A 117 2.04 -1.99 9.27
CA SER A 117 1.01 -2.48 8.32
CA SER A 117 1.00 -2.49 8.33
C SER A 117 0.29 -1.27 7.73
N GLU A 118 -0.20 -1.44 6.51
CA GLU A 118 -1.12 -0.44 5.92
C GLU A 118 -2.11 -1.17 5.02
N LEU A 119 -3.28 -0.59 4.81
CA LEU A 119 -4.23 -1.15 3.84
C LEU A 119 -4.98 -0.01 3.19
N ARG A 120 -5.72 -0.30 2.12
CA ARG A 120 -6.32 0.77 1.28
C ARG A 120 -7.81 0.88 1.53
N ALA A 121 -8.31 2.11 1.44
CA ALA A 121 -9.74 2.44 1.54
C ALA A 121 -9.91 3.78 0.80
N PHE A 122 -11.13 4.22 0.68
CA PHE A 122 -11.51 5.45 -0.03
C PHE A 122 -11.57 6.59 0.94
N TYR A 123 -10.80 7.60 0.67
CA TYR A 123 -11.07 8.92 1.24
C TYR A 123 -12.17 9.51 0.37
N TYR A 124 -13.07 10.26 1.00
CA TYR A 124 -14.10 11.05 0.31
C TYR A 124 -14.29 12.40 0.99
N ARG A 125 -14.81 13.32 0.20
CA ARG A 125 -15.15 14.69 0.68
C ARG A 125 -16.56 14.63 1.27
N THR A 126 -16.68 14.74 2.60
CA THR A 126 -17.98 14.66 3.31
C THR A 126 -18.91 15.76 2.74
N ASP A 127 -18.36 16.94 2.52
CA ASP A 127 -19.05 18.16 2.03
C ASP A 127 -19.59 17.94 0.60
N ALA A 128 -18.78 17.40 -0.34
CA ALA A 128 -19.22 17.12 -1.74
C ALA A 128 -20.30 16.03 -1.82
N LEU A 129 -20.18 14.97 -1.02
CA LEU A 129 -21.23 13.90 -1.08
C LEU A 129 -22.56 14.45 -0.53
N LYS A 130 -22.52 15.24 0.55
CA LYS A 130 -23.77 15.83 1.13
C LYS A 130 -24.49 16.69 0.07
N ALA A 131 -23.76 17.57 -0.61
CA ALA A 131 -24.24 18.44 -1.70
C ALA A 131 -24.74 17.62 -2.91
N ALA A 132 -24.16 16.46 -3.18
CA ALA A 132 -24.60 15.58 -4.29
C ALA A 132 -25.81 14.73 -3.87
N GLY A 133 -26.19 14.79 -2.59
CA GLY A 133 -27.27 13.93 -2.09
C GLY A 133 -26.90 12.46 -2.03
N VAL A 134 -25.61 12.16 -1.87
CA VAL A 134 -25.13 10.74 -1.88
C VAL A 134 -25.09 10.27 -0.43
N ASN A 135 -25.69 9.13 -0.13
CA ASN A 135 -25.51 8.45 1.17
C ASN A 135 -24.23 7.61 1.04
N PRO A 136 -23.17 7.92 1.82
CA PRO A 136 -21.91 7.18 1.74
C PRO A 136 -22.09 5.69 2.02
N ALA A 137 -23.05 5.29 2.87
CA ALA A 137 -23.23 3.86 3.24
C ALA A 137 -23.78 3.12 1.99
N GLU A 138 -24.59 3.81 1.18
CA GLU A 138 -25.11 3.20 -0.07
C GLU A 138 -23.97 3.27 -1.10
N MET A 139 -23.31 4.41 -1.22
CA MET A 139 -22.34 4.58 -2.33
C MET A 139 -21.26 3.48 -2.21
N PHE A 140 -20.81 3.17 -1.00
CA PHE A 140 -19.64 2.28 -0.75
C PHE A 140 -20.11 0.92 -0.27
N ALA A 141 -21.35 0.51 -0.56
CA ALA A 141 -21.91 -0.82 -0.22
C ALA A 141 -21.50 -1.85 -1.29
N SER A 142 -21.62 -1.46 -2.55
CA SER A 142 -21.57 -2.38 -3.71
C SER A 142 -21.04 -1.61 -4.91
N TRP A 143 -20.64 -2.34 -5.96
CA TRP A 143 -20.16 -1.82 -7.25
C TRP A 143 -21.25 -0.98 -7.91
N GLN A 144 -22.50 -1.48 -7.86
CA GLN A 144 -23.67 -0.73 -8.39
C GLN A 144 -23.81 0.55 -7.57
N GLY A 145 -23.70 0.49 -6.24
CA GLY A 145 -23.80 1.68 -5.37
C GLY A 145 -22.77 2.73 -5.75
N PHE A 146 -21.56 2.24 -6.00
CA PHE A 146 -20.34 3.06 -6.19
C PHE A 146 -20.51 3.85 -7.49
N GLU A 147 -20.94 3.19 -8.54
CA GLU A 147 -21.18 3.84 -9.86
C GLU A 147 -22.37 4.81 -9.75
N ALA A 148 -23.46 4.43 -9.06
CA ALA A 148 -24.60 5.35 -8.86
C ALA A 148 -24.11 6.61 -8.13
N GLY A 149 -23.26 6.46 -7.12
CA GLY A 149 -22.81 7.62 -6.34
C GLY A 149 -21.93 8.51 -7.20
N LEU A 150 -21.10 7.91 -8.03
CA LEU A 150 -20.22 8.72 -8.93
C LEU A 150 -21.09 9.52 -9.91
N ALA A 151 -22.15 8.91 -10.45
CA ALA A 151 -23.10 9.53 -11.42
C ALA A 151 -23.72 10.77 -10.76
N ARG A 152 -24.11 10.65 -9.50
CA ARG A 152 -24.70 11.78 -8.70
C ARG A 152 -23.65 12.86 -8.43
N LEU A 153 -22.41 12.48 -8.15
CA LEU A 153 -21.29 13.43 -7.95
C LEU A 153 -20.90 14.12 -9.27
N LYS A 154 -20.98 13.41 -10.39
CA LYS A 154 -20.80 14.03 -11.73
C LYS A 154 -21.87 15.09 -11.97
N ALA A 155 -23.12 14.83 -11.57
CA ALA A 155 -24.28 15.68 -11.88
C ALA A 155 -24.29 16.91 -10.95
N SER A 156 -23.50 16.89 -9.87
CA SER A 156 -23.56 17.87 -8.74
C SER A 156 -23.05 19.23 -9.24
N SER A 157 -23.71 20.31 -8.82
CA SER A 157 -23.25 21.72 -9.00
C SER A 157 -22.31 22.15 -7.87
N PHE A 158 -21.94 21.28 -6.90
CA PHE A 158 -20.98 21.61 -5.82
C PHE A 158 -19.68 22.16 -6.43
N ARG A 159 -19.08 23.15 -5.76
CA ARG A 159 -17.76 23.73 -6.15
C ARG A 159 -16.92 23.79 -4.85
N ASP A 160 -15.64 23.43 -4.90
CA ASP A 160 -14.70 23.53 -3.75
C ASP A 160 -14.67 24.98 -3.28
N PRO A 161 -14.86 25.28 -1.97
CA PRO A 161 -14.76 26.64 -1.44
C PRO A 161 -13.45 27.38 -1.72
N GLU A 162 -12.32 26.68 -1.81
CA GLU A 162 -10.99 27.26 -2.14
C GLU A 162 -10.82 27.38 -3.64
N THR A 163 -11.01 26.30 -4.41
CA THR A 163 -10.69 26.32 -5.86
C THR A 163 -11.86 26.93 -6.62
N LYS A 164 -13.06 26.96 -6.02
CA LYS A 164 -14.29 27.57 -6.61
C LYS A 164 -14.67 26.85 -7.91
N ALA A 165 -14.22 25.60 -8.08
CA ALA A 165 -14.43 24.77 -9.29
C ALA A 165 -15.06 23.44 -8.88
N PRO A 166 -15.65 22.69 -9.82
CA PRO A 166 -16.23 21.39 -9.49
C PRO A 166 -15.11 20.42 -9.14
N LEU A 167 -15.52 19.29 -8.55
CA LEU A 167 -14.60 18.20 -8.14
C LEU A 167 -14.82 17.06 -9.12
N ALA A 168 -13.75 16.42 -9.58
CA ALA A 168 -13.78 15.10 -10.23
C ALA A 168 -14.55 14.13 -9.34
N PRO A 169 -15.46 13.25 -9.82
CA PRO A 169 -16.10 12.29 -8.95
C PRO A 169 -15.06 11.39 -8.28
N LEU A 170 -14.11 10.93 -9.09
CA LEU A 170 -13.07 9.92 -8.66
C LEU A 170 -11.75 10.30 -9.27
N CYS A 171 -10.72 10.37 -8.47
CA CYS A 171 -9.37 10.49 -9.05
C CYS A 171 -8.65 9.19 -8.87
N THR A 172 -8.09 8.67 -9.95
CA THR A 172 -7.24 7.44 -9.93
C THR A 172 -6.21 7.68 -11.02
N PRO A 173 -4.94 7.30 -10.86
CA PRO A 173 -3.91 7.62 -11.86
C PRO A 173 -3.93 6.70 -13.09
N GLY A 174 -3.70 7.27 -14.26
CA GLY A 174 -3.72 6.54 -15.53
C GLY A 174 -2.33 6.31 -16.05
N ARG A 175 -1.31 6.90 -15.46
CA ARG A 175 0.10 6.67 -15.90
C ARG A 175 0.45 5.23 -15.54
N THR A 176 1.32 4.59 -16.32
CA THR A 176 1.73 3.20 -16.03
C THR A 176 2.09 3.12 -14.54
N PRO A 177 1.35 2.31 -13.75
CA PRO A 177 1.58 2.27 -12.30
C PRO A 177 2.84 1.49 -11.93
N ARG A 178 3.38 1.82 -10.78
CA ARG A 178 4.52 1.04 -10.24
C ARG A 178 3.99 -0.31 -9.75
N THR A 179 2.75 -0.35 -9.25
CA THR A 179 2.12 -1.58 -8.67
C THR A 179 0.65 -1.75 -9.02
N LEU A 180 0.11 -2.93 -8.68
CA LEU A 180 -1.31 -3.29 -8.82
C LEU A 180 -2.10 -2.90 -7.59
N HIS A 181 -1.54 -2.13 -6.63
CA HIS A 181 -2.27 -1.78 -5.40
C HIS A 181 -3.65 -1.20 -5.73
N ASN A 182 -3.79 -0.35 -6.76
CA ASN A 182 -5.08 0.29 -7.07
C ASN A 182 -6.02 -0.70 -7.77
N ALA A 183 -5.51 -1.57 -8.62
CA ALA A 183 -6.34 -2.45 -9.44
C ALA A 183 -6.75 -3.68 -8.63
N ALA A 184 -5.88 -4.16 -7.71
CA ALA A 184 -6.05 -5.48 -7.05
C ALA A 184 -7.44 -5.61 -6.40
N PRO A 185 -7.98 -4.66 -5.63
CA PRO A 185 -9.31 -4.86 -5.04
C PRO A 185 -10.42 -5.15 -6.07
N TRP A 186 -10.34 -4.60 -7.30
CA TRP A 186 -11.38 -4.82 -8.32
C TRP A 186 -11.20 -6.21 -8.95
N ILE A 187 -9.96 -6.60 -9.20
CA ILE A 187 -9.66 -8.01 -9.60
C ILE A 187 -10.26 -8.97 -8.56
N TRP A 188 -9.94 -8.75 -7.30
CA TRP A 188 -10.35 -9.64 -6.19
C TRP A 188 -11.86 -9.59 -5.95
N GLY A 189 -12.47 -8.40 -5.95
CA GLY A 189 -13.93 -8.24 -5.72
C GLY A 189 -14.79 -8.98 -6.74
N ALA A 190 -14.26 -9.18 -7.93
CA ALA A 190 -14.93 -9.91 -9.04
C ALA A 190 -14.76 -11.42 -8.91
N GLY A 191 -13.99 -11.87 -7.92
CA GLY A 191 -13.64 -13.30 -7.82
C GLY A 191 -12.36 -13.68 -8.54
N GLY A 192 -11.53 -12.75 -8.99
CA GLY A 192 -10.30 -13.12 -9.68
C GLY A 192 -9.07 -13.00 -8.79
N GLU A 193 -7.90 -13.10 -9.42
CA GLU A 193 -6.62 -13.13 -8.71
C GLU A 193 -5.51 -12.80 -9.72
N ILE A 194 -4.38 -12.35 -9.22
CA ILE A 194 -3.26 -11.95 -10.09
C ILE A 194 -2.54 -13.20 -10.54
N VAL A 195 -2.24 -14.06 -9.55
CA VAL A 195 -1.69 -15.44 -9.79
C VAL A 195 -2.49 -16.47 -9.01
N ARG A 196 -2.43 -17.72 -9.45
CA ARG A 196 -3.14 -18.83 -8.78
C ARG A 196 -2.16 -20.00 -8.69
N GLN A 197 -2.18 -20.69 -7.54
CA GLN A 197 -1.39 -21.90 -7.34
C GLN A 197 -2.27 -23.12 -7.65
N ALA A 198 -1.86 -23.94 -8.60
CA ALA A 198 -2.57 -25.21 -8.95
C ALA A 198 -1.57 -26.15 -9.60
N GLY A 199 -1.64 -27.47 -9.35
CA GLY A 199 -0.70 -28.38 -10.01
C GLY A 199 0.75 -28.13 -9.60
N GLY A 200 0.98 -27.75 -8.34
CA GLY A 200 2.32 -27.43 -7.80
C GLY A 200 3.06 -26.46 -8.71
N ARG A 201 2.37 -25.42 -9.17
CA ARG A 201 3.00 -24.26 -9.85
C ARG A 201 2.09 -23.04 -9.73
N TRP A 202 2.68 -21.85 -9.84
CA TRP A 202 1.94 -20.58 -9.96
C TRP A 202 1.78 -20.23 -11.43
N GLN A 203 0.61 -19.70 -11.79
CA GLN A 203 0.32 -19.17 -13.14
C GLN A 203 -0.51 -17.89 -13.01
N SER A 204 -0.43 -17.06 -14.04
CA SER A 204 -1.23 -15.83 -14.16
C SER A 204 -2.72 -16.19 -14.11
N ALA A 205 -3.50 -15.41 -13.41
CA ALA A 205 -4.96 -15.51 -13.55
C ALA A 205 -5.48 -14.15 -13.97
N LEU A 206 -4.62 -13.27 -14.51
CA LEU A 206 -5.09 -11.90 -14.85
C LEU A 206 -6.07 -11.95 -16.04
N ASN A 207 -6.02 -13.03 -16.82
CA ASN A 207 -6.86 -13.20 -18.04
C ASN A 207 -8.05 -14.13 -17.79
N SER A 208 -8.32 -14.41 -16.53
CA SER A 208 -9.50 -15.19 -16.07
C SER A 208 -10.72 -14.33 -16.35
N PRO A 209 -11.87 -14.96 -16.64
CA PRO A 209 -13.10 -14.21 -16.82
C PRO A 209 -13.33 -13.29 -15.62
N GLU A 210 -13.09 -13.74 -14.39
CA GLU A 210 -13.43 -12.95 -13.16
C GLU A 210 -12.44 -11.76 -13.05
N SER A 211 -11.15 -12.01 -13.27
CA SER A 211 -10.09 -10.94 -13.27
C SER A 211 -10.42 -9.85 -14.30
N LEU A 212 -10.77 -10.24 -15.52
CA LEU A 212 -11.10 -9.28 -16.59
C LEU A 212 -12.36 -8.50 -16.26
N GLU A 213 -13.33 -9.15 -15.62
CA GLU A 213 -14.56 -8.48 -15.17
C GLU A 213 -14.20 -7.33 -14.25
N GLY A 214 -13.47 -7.61 -13.18
CA GLY A 214 -13.17 -6.54 -12.22
C GLY A 214 -12.32 -5.48 -12.86
N LEU A 215 -11.34 -5.89 -13.64
CA LEU A 215 -10.42 -4.88 -14.25
C LEU A 215 -11.23 -3.99 -15.19
N TYR A 216 -12.07 -4.59 -16.03
CA TYR A 216 -12.91 -3.78 -16.95
C TYR A 216 -13.86 -2.85 -16.18
N PHE A 217 -14.52 -3.36 -15.13
CA PHE A 217 -15.41 -2.49 -14.30
C PHE A 217 -14.66 -1.21 -13.88
N PHE A 218 -13.48 -1.40 -13.34
CA PHE A 218 -12.63 -0.32 -12.76
C PHE A 218 -12.24 0.67 -13.86
N LEU A 219 -11.61 0.19 -14.91
CA LEU A 219 -11.13 1.12 -15.97
C LEU A 219 -12.31 1.76 -16.71
N SER A 220 -13.48 1.11 -16.82
CA SER A 220 -14.63 1.71 -17.54
C SER A 220 -15.20 2.89 -16.76
N LEU A 221 -15.05 2.99 -15.43
CA LEU A 221 -15.47 4.19 -14.65
C LEU A 221 -14.81 5.43 -15.23
N ALA A 222 -13.53 5.33 -15.62
CA ALA A 222 -12.80 6.47 -16.21
C ALA A 222 -13.38 6.77 -17.58
N GLN A 223 -13.62 5.72 -18.34
CA GLN A 223 -14.15 5.77 -19.71
C GLN A 223 -15.54 6.39 -19.67
N LYS A 224 -16.32 6.14 -18.60
CA LYS A 224 -17.70 6.69 -18.47
C LYS A 224 -17.76 8.17 -18.07
N GLY A 225 -16.66 8.84 -17.80
CA GLY A 225 -16.70 10.26 -17.41
C GLY A 225 -16.49 10.53 -15.93
N TYR A 226 -16.29 9.50 -15.08
CA TYR A 226 -16.19 9.67 -13.60
C TYR A 226 -14.76 9.99 -13.17
N VAL A 227 -13.77 9.72 -14.04
CA VAL A 227 -12.36 10.14 -13.84
C VAL A 227 -12.01 11.11 -14.95
N PRO A 228 -11.59 12.35 -14.62
CA PRO A 228 -11.28 13.37 -15.63
C PRO A 228 -10.07 12.99 -16.49
N ALA A 229 -10.03 13.42 -17.75
CA ALA A 229 -8.91 13.06 -18.64
C ALA A 229 -7.60 13.40 -17.94
N GLU A 230 -7.56 14.55 -17.24
CA GLU A 230 -6.32 15.08 -16.62
C GLU A 230 -5.75 14.04 -15.66
N SER A 231 -6.61 13.28 -14.95
CA SER A 231 -6.17 12.24 -13.99
C SER A 231 -5.40 11.11 -14.71
N LEU A 232 -5.77 10.80 -15.95
CA LEU A 232 -5.19 9.66 -16.70
C LEU A 232 -3.71 9.97 -16.93
N GLU A 233 -3.33 11.25 -16.95
CA GLU A 233 -1.97 11.68 -17.31
C GLU A 233 -1.16 11.82 -16.03
N LYS A 234 -1.74 11.50 -14.88
CA LYS A 234 -1.06 11.61 -13.55
C LYS A 234 -0.60 10.28 -12.96
N ASN A 235 0.35 10.32 -12.02
CA ASN A 235 0.75 9.16 -11.18
C ASN A 235 0.12 9.30 -9.77
N THR A 236 0.36 8.33 -8.91
CA THR A 236 -0.28 8.28 -7.58
C THR A 236 0.04 9.54 -6.79
N ALA A 237 1.29 10.04 -6.77
CA ALA A 237 1.67 11.20 -5.91
C ALA A 237 0.92 12.45 -6.41
N GLN A 238 0.79 12.58 -7.71
CA GLN A 238 0.10 13.73 -8.36
C GLN A 238 -1.39 13.65 -8.00
N ILE A 239 -1.98 12.48 -8.01
CA ILE A 239 -3.43 12.34 -7.71
C ILE A 239 -3.67 12.66 -6.22
N GLU A 240 -2.77 12.20 -5.34
CA GLU A 240 -2.78 12.50 -3.87
C GLU A 240 -2.76 14.03 -3.66
N ALA A 241 -1.87 14.76 -4.34
CA ALA A 241 -1.80 16.25 -4.35
C ALA A 241 -3.15 16.84 -4.84
N ASP A 242 -3.76 16.29 -5.88
CA ASP A 242 -5.05 16.74 -6.45
C ASP A 242 -6.18 16.61 -5.41
N PHE A 243 -6.26 15.49 -4.69
CA PHE A 243 -7.28 15.32 -3.62
C PHE A 243 -7.05 16.37 -2.51
N GLN A 244 -5.80 16.59 -2.15
CA GLN A 244 -5.40 17.50 -1.07
C GLN A 244 -5.75 18.92 -1.51
N ALA A 245 -5.63 19.21 -2.80
CA ALA A 245 -5.84 20.58 -3.34
C ALA A 245 -7.31 20.81 -3.66
N GLY A 246 -8.19 19.82 -3.44
CA GLY A 246 -9.65 19.98 -3.57
C GLY A 246 -10.18 19.73 -4.96
N LYS A 247 -9.48 18.93 -5.78
CA LYS A 247 -9.85 18.59 -7.18
C LYS A 247 -10.68 17.32 -7.31
N CYS A 248 -10.77 16.46 -6.27
CA CYS A 248 -11.30 15.05 -6.30
C CYS A 248 -12.28 14.83 -5.15
N ALA A 249 -13.46 14.28 -5.40
CA ALA A 249 -14.42 13.94 -4.32
C ALA A 249 -14.05 12.61 -3.64
N VAL A 250 -13.50 11.66 -4.39
CA VAL A 250 -13.19 10.28 -3.94
C VAL A 250 -11.76 9.89 -4.39
N PHE A 251 -11.00 9.26 -3.52
CA PHE A 251 -9.67 8.72 -3.92
C PHE A 251 -9.18 7.68 -2.93
N ALA A 252 -8.56 6.64 -3.45
CA ALA A 252 -8.16 5.46 -2.68
C ALA A 252 -6.73 5.63 -2.22
N SER A 253 -6.45 5.43 -0.95
CA SER A 253 -5.09 5.48 -0.40
C SER A 253 -5.03 4.73 0.93
N GLY A 254 -3.87 4.83 1.57
CA GLY A 254 -3.62 4.18 2.84
C GLY A 254 -3.87 5.16 3.98
N PRO A 255 -3.65 4.71 5.21
CA PRO A 255 -4.11 5.41 6.41
C PRO A 255 -3.25 6.63 6.75
N TRP A 256 -2.09 6.74 6.12
CA TRP A 256 -1.13 7.84 6.46
C TRP A 256 -1.79 9.18 6.12
N MET A 257 -2.75 9.21 5.19
CA MET A 257 -3.22 10.57 4.80
C MET A 257 -4.03 11.17 5.95
N ILE A 258 -4.50 10.34 6.89
CA ILE A 258 -5.17 10.86 8.11
C ILE A 258 -4.20 11.71 8.94
N GLN A 259 -2.99 11.22 9.20
CA GLN A 259 -1.92 11.88 9.96
C GLN A 259 -1.57 13.16 9.20
N ARG A 260 -1.42 13.07 7.87
CA ARG A 260 -0.99 14.23 7.08
C ARG A 260 -2.07 15.32 7.15
N ALA A 261 -3.34 14.96 7.25
CA ALA A 261 -4.43 15.95 7.34
C ALA A 261 -4.32 16.81 8.60
N GLN A 262 -3.58 16.40 9.64
CA GLN A 262 -3.36 17.18 10.89
C GLN A 262 -2.02 17.91 10.84
N VAL A 263 -1.26 17.83 9.75
CA VAL A 263 0.06 18.52 9.68
C VAL A 263 -0.06 19.74 8.77
N PRO A 264 0.48 20.93 9.15
CA PRO A 264 0.43 22.08 8.23
C PRO A 264 1.11 21.79 6.86
N GLU A 265 0.62 22.44 5.81
CA GLU A 265 1.21 22.31 4.45
C GLU A 265 2.72 22.53 4.50
N ALA A 266 3.16 23.57 5.21
CA ALA A 266 4.57 23.99 5.26
C ALA A 266 5.36 22.89 5.99
N LYS A 267 4.69 22.03 6.77
CA LYS A 267 5.33 20.84 7.44
C LYS A 267 5.09 19.53 6.65
N GLY A 268 4.52 19.60 5.45
CA GLY A 268 4.36 18.49 4.51
C GLY A 268 2.99 17.79 4.64
N GLY A 269 2.02 18.39 5.31
CA GLY A 269 0.64 17.87 5.36
C GLY A 269 -0.32 18.73 4.57
N PHE A 270 -1.61 18.79 4.96
CA PHE A 270 -2.61 19.62 4.24
C PHE A 270 -3.64 20.16 5.21
N ALA A 271 -3.24 20.43 6.46
CA ALA A 271 -4.18 20.74 7.57
C ALA A 271 -5.10 21.90 7.13
N GLU A 272 -4.56 22.88 6.39
CA GLU A 272 -5.30 24.14 6.07
C GLU A 272 -6.37 23.90 4.99
N ARG A 273 -6.28 22.80 4.24
CA ARG A 273 -7.11 22.61 3.03
C ARG A 273 -8.52 22.20 3.43
N THR A 274 -9.50 22.49 2.60
CA THR A 274 -10.91 22.10 2.79
C THR A 274 -10.98 20.58 2.94
N ALA A 275 -10.20 19.85 2.16
CA ALA A 275 -10.28 18.37 2.15
C ALA A 275 -9.99 17.86 3.56
N ALA A 276 -9.01 18.47 4.23
CA ALA A 276 -8.53 18.05 5.57
C ALA A 276 -9.68 18.24 6.58
N LYS A 277 -10.51 19.25 6.35
CA LYS A 277 -11.57 19.66 7.28
C LYS A 277 -12.87 18.94 6.94
N ASN A 278 -12.92 18.20 5.83
CA ASN A 278 -14.16 17.56 5.32
C ASN A 278 -13.83 16.15 4.82
N LEU A 279 -13.11 15.41 5.65
CA LEU A 279 -12.43 14.15 5.27
C LEU A 279 -13.25 12.96 5.80
N GLY A 280 -13.69 12.10 4.92
CA GLY A 280 -14.27 10.84 5.35
C GLY A 280 -13.45 9.68 4.87
N VAL A 281 -13.73 8.51 5.41
CA VAL A 281 -13.13 7.26 4.87
C VAL A 281 -14.22 6.23 4.74
N ALA A 282 -14.23 5.50 3.66
CA ALA A 282 -15.14 4.32 3.50
C ALA A 282 -14.34 3.17 2.93
N PRO A 283 -14.61 1.93 3.37
CA PRO A 283 -13.96 0.75 2.80
C PRO A 283 -14.38 0.55 1.36
N TYR A 284 -13.56 -0.21 0.63
CA TYR A 284 -13.86 -0.64 -0.74
C TYR A 284 -15.25 -1.29 -0.70
N PRO A 285 -16.09 -1.03 -1.73
CA PRO A 285 -17.36 -1.72 -1.84
C PRO A 285 -17.20 -3.22 -2.12
N ALA A 286 -18.14 -3.99 -1.60
CA ALA A 286 -18.40 -5.40 -1.97
C ALA A 286 -18.53 -5.53 -3.49
N GLY A 287 -17.75 -6.41 -4.09
CA GLY A 287 -17.89 -6.77 -5.51
C GLY A 287 -18.80 -7.98 -5.59
N PRO A 288 -19.04 -8.50 -6.81
CA PRO A 288 -19.83 -9.71 -7.03
C PRO A 288 -19.45 -10.89 -6.13
N LYS A 289 -18.15 -11.07 -5.81
CA LYS A 289 -17.64 -12.23 -5.04
C LYS A 289 -16.93 -11.78 -3.77
N GLY A 290 -17.33 -10.64 -3.21
CA GLY A 290 -17.02 -10.29 -1.82
C GLY A 290 -16.26 -9.00 -1.77
N ARG A 291 -15.92 -8.59 -0.54
CA ARG A 291 -15.15 -7.39 -0.17
C ARG A 291 -13.66 -7.77 -0.01
N TYR A 292 -12.77 -7.07 -0.70
CA TYR A 292 -11.30 -7.21 -0.51
C TYR A 292 -10.70 -5.82 -0.59
N THR A 293 -9.55 -5.65 0.05
CA THR A 293 -8.66 -4.50 -0.15
C THR A 293 -7.22 -5.01 -0.10
N PHE A 294 -6.29 -4.26 -0.71
CA PHE A 294 -4.86 -4.50 -0.60
C PHE A 294 -4.43 -4.17 0.83
N PHE A 295 -3.71 -5.12 1.40
CA PHE A 295 -3.13 -5.07 2.75
C PHE A 295 -1.63 -5.27 2.59
N GLY A 296 -0.84 -4.34 3.03
CA GLY A 296 0.64 -4.39 2.87
C GLY A 296 1.35 -3.85 4.10
N GLY A 297 2.36 -3.03 3.86
CA GLY A 297 3.25 -2.57 4.89
C GLY A 297 4.69 -2.85 4.63
N SER A 298 5.48 -2.71 5.69
CA SER A 298 6.94 -2.81 5.61
C SER A 298 7.46 -3.65 6.76
N ASN A 299 8.52 -4.34 6.46
CA ASN A 299 9.25 -5.18 7.43
C ASN A 299 10.69 -4.69 7.48
N LEU A 300 11.46 -5.18 8.45
CA LEU A 300 12.90 -4.92 8.56
C LEU A 300 13.64 -6.23 8.40
N ALA A 301 14.75 -6.16 7.71
CA ALA A 301 15.63 -7.30 7.45
C ALA A 301 17.07 -6.94 7.78
N LEU A 302 17.81 -7.95 8.20
CA LEU A 302 19.24 -7.91 8.59
C LEU A 302 20.06 -8.59 7.52
N PHE A 303 20.99 -7.87 6.89
CA PHE A 303 21.89 -8.48 5.88
C PHE A 303 22.84 -9.42 6.59
N ASN A 304 22.99 -10.63 6.03
CA ASN A 304 23.80 -11.64 6.72
C ASN A 304 25.29 -11.26 6.60
N PHE A 305 25.63 -10.19 5.89
CA PHE A 305 27.03 -9.72 5.80
C PHE A 305 27.28 -8.58 6.79
N SER A 306 26.27 -8.19 7.58
CA SER A 306 26.44 -7.17 8.65
C SER A 306 27.54 -7.65 9.63
N LYS A 307 28.34 -6.73 10.11
CA LYS A 307 29.39 -6.87 11.16
C LYS A 307 28.82 -6.59 12.55
N ASN A 308 27.52 -6.32 12.67
CA ASN A 308 26.88 -5.87 13.95
C ASN A 308 25.61 -6.68 14.15
N LYS A 309 25.60 -7.99 13.83
CA LYS A 309 24.34 -8.77 13.89
C LYS A 309 23.76 -8.75 15.30
N PRO A 310 24.55 -8.92 16.38
CA PRO A 310 23.96 -8.93 17.73
C PRO A 310 23.20 -7.65 18.12
N LEU A 311 23.79 -6.49 17.92
CA LEU A 311 23.07 -5.22 18.18
C LEU A 311 21.93 -5.06 17.18
N ALA A 312 22.14 -5.41 15.91
CA ALA A 312 21.08 -5.26 14.88
C ALA A 312 19.87 -6.09 15.31
N LYS A 313 20.06 -7.31 15.85
CA LYS A 313 18.88 -8.10 16.27
C LYS A 313 18.21 -7.44 17.48
N GLU A 314 18.97 -6.84 18.40
CA GLU A 314 18.37 -6.13 19.54
C GLU A 314 17.53 -4.95 19.01
N LEU A 315 18.02 -4.29 17.99
CA LEU A 315 17.27 -3.15 17.38
C LEU A 315 15.97 -3.66 16.76
N LEU A 316 16.01 -4.77 16.07
CA LEU A 316 14.82 -5.42 15.43
C LEU A 316 13.83 -5.75 16.53
N LYS A 317 14.31 -6.29 17.64
CA LYS A 317 13.41 -6.60 18.77
C LYS A 317 12.78 -5.34 19.31
N TYR A 318 13.54 -4.25 19.36
CA TYR A 318 13.07 -2.95 19.90
C TYR A 318 12.00 -2.41 18.95
N LEU A 319 12.37 -2.30 17.68
CA LEU A 319 11.46 -1.73 16.65
C LEU A 319 10.20 -2.58 16.51
N GLY A 320 10.28 -3.89 16.70
CA GLY A 320 9.17 -4.86 16.55
C GLY A 320 8.25 -4.90 17.74
N GLY A 321 8.68 -4.38 18.91
CA GLY A 321 8.00 -4.55 20.19
C GLY A 321 6.95 -3.49 20.42
N PRO A 322 6.11 -3.69 21.45
CA PRO A 322 4.91 -2.88 21.64
C PRO A 322 5.08 -1.33 21.66
N GLU A 323 5.99 -0.86 22.48
CA GLU A 323 6.16 0.59 22.70
C GLU A 323 6.57 1.26 21.38
N ALA A 324 7.60 0.74 20.71
CA ALA A 324 8.10 1.38 19.48
C ALA A 324 7.08 1.19 18.36
N GLN A 325 6.31 0.11 18.38
CA GLN A 325 5.22 -0.20 17.44
C GLN A 325 4.21 0.95 17.52
N VAL A 326 3.78 1.29 18.72
CA VAL A 326 2.75 2.33 18.89
C VAL A 326 3.32 3.68 18.48
N ARG A 327 4.51 3.97 18.97
CA ARG A 327 5.14 5.31 18.79
C ARG A 327 5.38 5.54 17.30
N TYR A 328 5.88 4.58 16.54
CA TYR A 328 6.20 4.82 15.10
C TYR A 328 4.93 4.93 14.23
N ALA A 329 3.92 4.13 14.53
CA ALA A 329 2.60 4.23 13.86
C ALA A 329 1.97 5.59 14.18
N GLN A 330 2.15 6.12 15.38
CA GLN A 330 1.65 7.48 15.70
C GLN A 330 2.37 8.54 14.85
N MET A 331 3.67 8.41 14.65
CA MET A 331 4.46 9.41 13.90
C MET A 331 4.18 9.30 12.39
N THR A 332 3.94 8.11 11.86
CA THR A 332 3.84 7.81 10.40
C THR A 332 2.38 7.88 9.96
N GLY A 333 1.41 7.63 10.85
CA GLY A 333 0.02 7.44 10.39
C GLY A 333 -0.25 6.04 9.83
N MET A 334 0.69 5.11 9.97
CA MET A 334 0.48 3.70 9.58
C MET A 334 -0.16 3.01 10.78
N LEU A 335 -0.39 1.72 10.65
CA LEU A 335 -0.90 0.84 11.73
C LEU A 335 0.28 0.05 12.22
N PRO A 336 0.31 -0.35 13.52
CA PRO A 336 1.32 -1.28 13.99
C PRO A 336 1.26 -2.59 13.19
N ALA A 337 2.39 -3.29 13.11
CA ALA A 337 2.44 -4.66 12.58
C ALA A 337 1.96 -5.61 13.67
N LEU A 338 2.17 -5.24 14.93
CA LEU A 338 1.98 -6.18 16.07
C LEU A 338 0.52 -6.10 16.52
N ARG A 339 -0.23 -7.21 16.54
CA ARG A 339 -1.71 -7.17 16.75
C ARG A 339 -2.07 -6.46 18.06
N SER A 340 -1.33 -6.74 19.10
CA SER A 340 -1.60 -6.20 20.46
C SER A 340 -1.64 -4.66 20.44
N ALA A 341 -0.83 -4.03 19.59
CA ALA A 341 -0.62 -2.57 19.60
C ALA A 341 -1.83 -1.87 18.99
N TRP A 342 -2.67 -2.60 18.25
CA TRP A 342 -3.88 -2.03 17.62
C TRP A 342 -4.87 -1.52 18.66
N SER A 343 -4.80 -2.05 19.87
CA SER A 343 -5.73 -1.67 20.95
C SER A 343 -5.40 -0.26 21.50
N ASP A 344 -4.32 0.38 21.06
CA ASP A 344 -3.98 1.69 21.68
C ASP A 344 -5.11 2.66 21.37
N PRO A 345 -5.54 3.52 22.32
CA PRO A 345 -6.66 4.41 22.08
C PRO A 345 -6.33 5.41 20.95
N SER A 346 -5.05 5.73 20.77
CA SER A 346 -4.61 6.63 19.68
C SER A 346 -5.17 6.09 18.35
N PHE A 347 -5.31 4.78 18.18
CA PHE A 347 -5.82 4.18 16.91
C PHE A 347 -7.34 3.96 17.01
N GLN A 348 -7.82 3.37 18.11
CA GLN A 348 -9.23 2.97 18.28
C GLN A 348 -10.14 4.23 18.32
N GLN A 349 -9.72 5.31 18.98
CA GLN A 349 -10.58 6.51 19.21
C GLN A 349 -10.47 7.51 18.04
N ASN A 350 -9.60 7.25 17.06
CA ASN A 350 -9.50 8.05 15.80
C ASN A 350 -10.58 7.48 14.87
N PRO A 351 -11.69 8.19 14.55
CA PRO A 351 -12.81 7.53 13.85
C PRO A 351 -12.42 7.18 12.40
N LEU A 352 -11.57 8.01 11.77
CA LEU A 352 -11.15 7.72 10.35
C LEU A 352 -10.27 6.46 10.34
N LEU A 353 -9.36 6.34 11.30
CA LEU A 353 -8.42 5.20 11.38
C LEU A 353 -9.18 3.95 11.82
N ARG A 354 -10.17 4.10 12.69
CA ARG A 354 -11.09 2.98 13.04
C ARG A 354 -11.73 2.37 11.79
N THR A 355 -12.06 3.19 10.80
CA THR A 355 -12.62 2.69 9.52
C THR A 355 -11.59 1.79 8.83
N PHE A 356 -10.33 2.23 8.73
CA PHE A 356 -9.23 1.38 8.25
C PHE A 356 -9.14 0.12 9.10
N ILE A 357 -9.18 0.24 10.44
CA ILE A 357 -9.09 -0.95 11.33
C ILE A 357 -10.16 -1.98 10.98
N GLN A 358 -11.41 -1.55 10.83
CA GLN A 358 -12.54 -2.43 10.43
C GLN A 358 -12.37 -3.01 9.02
N ALA A 359 -11.80 -2.26 8.06
CA ALA A 359 -11.56 -2.77 6.69
C ALA A 359 -10.52 -3.89 6.68
N ALA A 360 -9.66 -4.01 7.69
CA ALA A 360 -8.60 -5.03 7.74
C ALA A 360 -9.14 -6.46 7.76
N GLN A 361 -10.43 -6.64 8.09
CA GLN A 361 -11.05 -7.99 8.05
C GLN A 361 -11.02 -8.49 6.60
N PHE A 362 -10.96 -7.58 5.62
CA PHE A 362 -11.16 -7.88 4.18
C PHE A 362 -9.84 -7.65 3.47
N GLY A 363 -8.81 -7.32 4.25
CA GLY A 363 -7.39 -7.27 3.85
C GLY A 363 -6.94 -8.50 3.11
N ARG A 364 -6.29 -8.31 1.98
CA ARG A 364 -5.78 -9.43 1.21
C ARG A 364 -4.36 -9.11 0.81
N THR A 365 -3.52 -10.12 0.78
CA THR A 365 -2.08 -9.89 0.50
C THR A 365 -1.68 -10.64 -0.77
N TYR A 366 -0.53 -10.31 -1.29
CA TYR A 366 0.10 -11.06 -2.37
C TYR A 366 0.85 -12.25 -1.80
N PRO A 367 1.00 -13.35 -2.56
CA PRO A 367 1.83 -14.44 -2.08
C PRO A 367 3.29 -13.95 -2.07
N SER A 368 4.04 -14.49 -1.13
CA SER A 368 5.43 -14.00 -0.85
C SER A 368 6.43 -14.73 -1.75
N LEU A 369 6.31 -14.50 -3.06
CA LEU A 369 7.05 -15.26 -4.09
C LEU A 369 8.40 -14.61 -4.43
N ALA A 370 9.41 -15.42 -4.74
CA ALA A 370 10.74 -14.94 -5.22
C ALA A 370 10.56 -14.09 -6.49
N GLY A 371 9.61 -14.47 -7.37
CA GLY A 371 9.42 -13.85 -8.70
C GLY A 371 8.43 -12.71 -8.68
N TRP A 372 7.95 -12.30 -7.53
CA TRP A 372 6.77 -11.40 -7.43
C TRP A 372 7.01 -10.10 -8.21
N GLY A 373 8.17 -9.46 -8.01
CA GLY A 373 8.56 -8.22 -8.69
C GLY A 373 8.33 -8.35 -10.20
N GLY A 374 8.84 -9.42 -10.79
CA GLY A 374 8.75 -9.67 -12.25
C GLY A 374 7.31 -9.89 -12.66
N VAL A 375 6.53 -10.59 -11.83
CA VAL A 375 5.08 -10.72 -12.11
C VAL A 375 4.46 -9.31 -12.15
N GLU A 376 4.63 -8.57 -11.07
CA GLU A 376 3.95 -7.26 -10.91
C GLU A 376 4.40 -6.31 -12.02
N ASN A 377 5.66 -6.29 -12.36
CA ASN A 377 6.22 -5.44 -13.43
C ASN A 377 5.56 -5.74 -14.78
N LEU A 378 5.38 -7.02 -15.14
CA LEU A 378 4.72 -7.38 -16.40
C LEU A 378 3.24 -7.01 -16.33
N ALA A 379 2.62 -7.16 -15.15
CA ALA A 379 1.17 -6.88 -15.02
C ALA A 379 1.00 -5.38 -15.27
N VAL A 380 1.81 -4.57 -14.59
CA VAL A 380 1.61 -3.09 -14.59
C VAL A 380 1.91 -2.52 -15.98
N GLN A 381 2.87 -3.06 -16.70
CA GLN A 381 3.22 -2.55 -18.03
C GLN A 381 2.01 -2.78 -18.96
N HIS A 382 1.31 -3.93 -18.83
CA HIS A 382 0.10 -4.23 -19.67
C HIS A 382 -1.08 -3.36 -19.24
N LEU A 383 -1.25 -3.18 -17.92
CA LEU A 383 -2.30 -2.32 -17.33
C LEU A 383 -2.10 -0.92 -17.87
N GLY A 384 -0.87 -0.41 -17.91
CA GLY A 384 -0.57 0.90 -18.52
C GLY A 384 -1.12 1.03 -19.93
N MET A 385 -0.99 -0.03 -20.74
CA MET A 385 -1.44 -0.05 -22.18
C MET A 385 -2.95 0.02 -22.20
N ALA A 386 -3.57 -0.61 -21.22
CA ALA A 386 -5.03 -0.57 -21.08
C ALA A 386 -5.44 0.85 -20.67
N TRP A 387 -4.67 1.51 -19.74
CA TRP A 387 -5.03 2.90 -19.41
C TRP A 387 -4.91 3.78 -20.67
N ASP A 388 -3.94 3.49 -21.53
CA ASP A 388 -3.71 4.37 -22.72
C ASP A 388 -4.95 4.25 -23.62
N LEU A 389 -5.57 3.07 -23.70
CA LEU A 389 -6.82 2.84 -24.48
C LEU A 389 -7.97 3.63 -23.84
N VAL A 390 -8.05 3.64 -22.49
CA VAL A 390 -9.07 4.39 -21.74
C VAL A 390 -8.91 5.85 -22.19
N ALA A 391 -7.67 6.31 -22.32
CA ALA A 391 -7.42 7.74 -22.65
C ALA A 391 -7.92 8.05 -24.07
N GLN A 392 -8.18 7.03 -24.88
CA GLN A 392 -8.76 7.17 -26.24
C GLN A 392 -10.26 6.89 -26.24
N GLY A 393 -10.82 6.43 -25.13
CA GLY A 393 -12.22 5.92 -25.07
C GLY A 393 -12.31 4.62 -25.83
N ARG A 394 -11.22 3.87 -25.95
CA ARG A 394 -11.21 2.65 -26.81
C ARG A 394 -10.91 1.39 -26.00
N LEU A 395 -11.04 1.41 -24.68
CA LEU A 395 -10.89 0.15 -23.96
C LEU A 395 -12.21 -0.63 -24.16
N THR A 396 -12.10 -1.74 -24.83
CA THR A 396 -13.20 -2.72 -24.96
C THR A 396 -12.83 -3.96 -24.13
N ARG A 397 -13.83 -4.78 -23.85
CA ARG A 397 -13.55 -6.10 -23.22
C ARG A 397 -12.56 -6.88 -24.10
N GLU A 398 -12.76 -6.93 -25.42
CA GLU A 398 -11.89 -7.69 -26.37
C GLU A 398 -10.44 -7.21 -26.18
N ALA A 399 -10.21 -5.89 -26.23
CA ALA A 399 -8.85 -5.31 -26.17
C ALA A 399 -8.26 -5.53 -24.79
N LEU A 400 -9.07 -5.45 -23.72
CA LEU A 400 -8.51 -5.72 -22.36
C LEU A 400 -8.09 -7.20 -22.29
N LYS A 401 -8.90 -8.13 -22.82
CA LYS A 401 -8.56 -9.58 -22.74
C LYS A 401 -7.26 -9.80 -23.52
N ASP A 402 -7.12 -9.17 -24.69
CA ASP A 402 -5.92 -9.35 -25.55
C ASP A 402 -4.71 -8.90 -24.76
N LEU A 403 -4.82 -7.83 -23.97
CA LEU A 403 -3.61 -7.32 -23.24
C LEU A 403 -3.28 -8.24 -22.09
N MET A 404 -4.29 -8.64 -21.36
CA MET A 404 -4.11 -9.58 -20.23
C MET A 404 -3.70 -10.97 -20.74
N ASP A 405 -4.12 -11.48 -21.92
CA ASP A 405 -3.54 -12.74 -22.44
C ASP A 405 -2.03 -12.57 -22.69
N LYS A 406 -1.60 -11.42 -23.21
CA LYS A 406 -0.15 -11.12 -23.44
C LYS A 406 0.55 -10.99 -22.08
N ALA A 407 -0.07 -10.29 -21.12
CA ALA A 407 0.53 -10.18 -19.78
C ALA A 407 0.69 -11.60 -19.21
N SER A 408 -0.34 -12.43 -19.40
CA SER A 408 -0.38 -13.81 -18.80
C SER A 408 0.69 -14.71 -19.44
N ALA A 409 0.90 -14.65 -20.76
CA ALA A 409 1.99 -15.39 -21.46
C ALA A 409 3.36 -15.02 -20.90
N ALA A 410 3.62 -13.73 -20.69
CA ALA A 410 4.95 -13.28 -20.26
C ALA A 410 5.15 -13.65 -18.78
N ILE A 411 4.11 -13.53 -17.94
CA ILE A 411 4.16 -13.90 -16.49
C ILE A 411 4.44 -15.41 -16.37
N ASN A 412 3.74 -16.24 -17.15
CA ASN A 412 3.92 -17.72 -17.06
C ASN A 412 5.35 -18.09 -17.49
N GLN A 413 5.86 -17.46 -18.53
CA GLN A 413 7.28 -17.57 -18.96
C GLN A 413 8.20 -17.27 -17.79
N ALA A 414 8.02 -16.16 -17.08
CA ALA A 414 8.90 -15.67 -15.99
C ALA A 414 8.88 -16.63 -14.81
N LEU A 415 7.68 -17.07 -14.41
CA LEU A 415 7.40 -17.98 -13.27
C LEU A 415 7.94 -19.40 -13.49
N ARG A 416 8.04 -19.90 -14.74
CA ARG A 416 8.45 -21.28 -15.08
C ARG A 416 9.70 -21.68 -14.29
#